data_8EUA
#
_entry.id   8EUA
#
_cell.length_a   112.330
_cell.length_b   112.330
_cell.length_c   217.330
_cell.angle_alpha   90.000
_cell.angle_beta   90.000
_cell.angle_gamma   90.000
#
_symmetry.space_group_name_H-M   'I 41 2 2'
#
loop_
_entity.id
_entity.type
_entity.pdbx_description
1 polymer 'Papain-like protease nsp3'
2 non-polymer 'methyl 4-{2-[3-(2-{[(1R)-1-(naphthalen-1-yl)ethyl]carbamoyl}phenyl)propanoyl]hydrazinyl}-4-oxobutanoate'
3 non-polymer 'ZINC ION'
4 non-polymer 'SULFATE ION'
5 water water
#
_entity_poly.entity_id   1
_entity_poly.type   'polypeptide(L)'
_entity_poly.pdbx_seq_one_letter_code
;MREVRTIKVFTTVDNINLHTQVVDMSMTYGQQFGPTYLDGADVTKIKPHNSHEGKTFYVLPNDDTLRVEAFEYYHTTDPS
FLGRYMSALNHTKKWKYPQVNGLTSIKWADNNCYLATALLTLQQIELKFNPPALQDAYYRARAGEAANFCALILAYCNKT
VGELGDVRETMSYLFQHANLDSCKRVLNVVCKTCGQQQTTLKGVEAVMYMGTLSYEQFKKGVQIPCTCGKQATKYLVQQE
SPFVMMSAPPAQYELKHGTFTCASEYTGNYQCGHYKHITSKETLYCIDGALLTKSSEYKGPITDVFYKENSYTTTIKPL
;
_entity_poly.pdbx_strand_id   A
#
loop_
_chem_comp.id
_chem_comp.type
_chem_comp.name
_chem_comp.formula
SO4 non-polymer 'SULFATE ION' 'O4 S -2'
WUK non-polymer 'methyl 4-{2-[3-(2-{[(1R)-1-(naphthalen-1-yl)ethyl]carbamoyl}phenyl)propanoyl]hydrazinyl}-4-oxobutanoate' 'C27 H29 N3 O5'
ZN non-polymer 'ZINC ION' 'Zn 2'
#
# COMPACT_ATOMS: atom_id res chain seq x y z
N ARG A 5 -33.85 -30.84 -2.12
CA ARG A 5 -33.71 -30.10 -0.83
C ARG A 5 -32.64 -29.01 -0.98
N THR A 6 -32.72 -27.95 -0.16
CA THR A 6 -32.03 -26.64 -0.36
C THR A 6 -31.53 -26.07 0.98
N ILE A 7 -30.71 -25.00 0.93
CA ILE A 7 -30.38 -24.09 2.08
C ILE A 7 -30.30 -22.63 1.59
N LYS A 8 -30.25 -21.70 2.55
CA LYS A 8 -30.27 -20.23 2.34
C LYS A 8 -28.89 -19.65 2.70
N VAL A 9 -28.19 -19.15 1.67
CA VAL A 9 -26.89 -18.42 1.75
C VAL A 9 -27.10 -17.03 1.13
N PHE A 10 -26.20 -16.09 1.47
CA PHE A 10 -26.09 -14.75 0.84
C PHE A 10 -24.90 -14.73 -0.14
N THR A 11 -25.06 -14.13 -1.32
CA THR A 11 -23.95 -13.82 -2.25
C THR A 11 -23.79 -12.31 -2.41
N THR A 12 -22.55 -11.86 -2.61
CA THR A 12 -22.19 -10.44 -2.82
C THR A 12 -20.94 -10.35 -3.68
N VAL A 13 -20.64 -9.14 -4.17
CA VAL A 13 -19.34 -8.78 -4.80
C VAL A 13 -18.57 -7.83 -3.87
N ASP A 14 -19.27 -7.09 -2.99
CA ASP A 14 -18.68 -5.98 -2.18
C ASP A 14 -18.76 -6.25 -0.67
N ASN A 15 -19.69 -7.10 -0.23
CA ASN A 15 -19.95 -7.41 1.20
C ASN A 15 -20.81 -6.30 1.82
N ILE A 16 -21.27 -5.34 1.02
CA ILE A 16 -22.22 -4.29 1.49
C ILE A 16 -23.65 -4.74 1.12
N ASN A 17 -23.90 -4.95 -0.18
CA ASN A 17 -25.18 -5.45 -0.74
C ASN A 17 -25.14 -6.97 -0.80
N LEU A 18 -25.74 -7.62 0.19
CA LEU A 18 -25.98 -9.09 0.20
C LEU A 18 -27.22 -9.36 -0.66
N HIS A 19 -27.29 -10.55 -1.25
CA HIS A 19 -28.35 -11.00 -2.20
C HIS A 19 -28.67 -12.46 -1.88
N THR A 20 -29.63 -12.75 -0.98
CA THR A 20 -30.04 -14.11 -0.53
C THR A 20 -30.30 -15.01 -1.74
N GLN A 21 -29.85 -16.27 -1.67
CA GLN A 21 -30.05 -17.33 -2.69
C GLN A 21 -30.64 -18.57 -2.03
N VAL A 22 -31.31 -19.40 -2.82
CA VAL A 22 -31.74 -20.78 -2.46
C VAL A 22 -30.88 -21.72 -3.32
N VAL A 23 -30.04 -22.59 -2.72
CA VAL A 23 -29.10 -23.47 -3.47
C VAL A 23 -29.55 -24.95 -3.39
N ASP A 24 -29.81 -25.56 -4.56
CA ASP A 24 -29.81 -27.04 -4.75
C ASP A 24 -28.55 -27.57 -4.04
N MET A 25 -28.71 -28.42 -3.02
CA MET A 25 -27.59 -28.94 -2.19
C MET A 25 -26.88 -30.13 -2.88
N SER A 26 -27.28 -30.52 -4.10
CA SER A 26 -26.71 -31.68 -4.84
C SER A 26 -25.92 -31.23 -6.06
N MET A 27 -26.13 -30.00 -6.57
CA MET A 27 -25.22 -29.30 -7.51
C MET A 27 -24.11 -28.60 -6.71
N THR A 28 -22.96 -28.31 -7.33
CA THR A 28 -21.85 -27.49 -6.74
C THR A 28 -22.17 -26.01 -6.91
N TYR A 29 -21.49 -25.15 -6.12
CA TYR A 29 -21.63 -23.67 -6.15
C TYR A 29 -21.31 -23.16 -7.57
N GLY A 30 -20.32 -23.77 -8.22
CA GLY A 30 -19.80 -23.37 -9.55
C GLY A 30 -20.89 -23.40 -10.61
N GLN A 31 -21.73 -24.43 -10.56
CA GLN A 31 -22.80 -24.68 -11.56
C GLN A 31 -23.95 -23.68 -11.34
N GLN A 32 -24.27 -23.38 -10.07
CA GLN A 32 -25.45 -22.56 -9.67
C GLN A 32 -25.15 -21.06 -9.86
N PHE A 33 -23.97 -20.56 -9.43
CA PHE A 33 -23.59 -19.13 -9.42
C PHE A 33 -22.51 -18.83 -10.47
N GLY A 34 -21.32 -19.38 -10.28
CA GLY A 34 -20.12 -19.05 -11.05
C GLY A 34 -18.90 -19.41 -10.20
N PRO A 35 -17.69 -18.90 -10.51
CA PRO A 35 -16.60 -18.94 -9.54
C PRO A 35 -17.11 -18.22 -8.27
N THR A 36 -16.97 -18.91 -7.14
CA THR A 36 -17.55 -18.55 -5.82
C THR A 36 -16.52 -18.81 -4.71
N TYR A 37 -16.47 -17.93 -3.73
CA TYR A 37 -15.47 -17.96 -2.63
C TYR A 37 -16.17 -17.70 -1.30
N LEU A 38 -15.69 -18.41 -0.28
CA LEU A 38 -16.10 -18.21 1.13
C LEU A 38 -14.85 -17.81 1.91
N ASP A 39 -14.85 -16.62 2.51
CA ASP A 39 -13.79 -16.21 3.47
C ASP A 39 -12.45 -16.23 2.76
N GLY A 40 -12.47 -16.23 1.41
CA GLY A 40 -11.25 -16.30 0.57
C GLY A 40 -10.96 -17.69 -0.01
N ALA A 41 -11.52 -18.75 0.57
CA ALA A 41 -11.42 -20.13 0.04
C ALA A 41 -12.28 -20.23 -1.23
N ASP A 42 -11.72 -20.72 -2.34
CA ASP A 42 -12.49 -21.12 -3.55
C ASP A 42 -13.43 -22.27 -3.13
N VAL A 43 -14.72 -22.16 -3.46
CA VAL A 43 -15.72 -23.22 -3.15
C VAL A 43 -16.54 -23.54 -4.41
N THR A 44 -16.07 -23.08 -5.59
CA THR A 44 -16.62 -23.38 -6.95
C THR A 44 -16.95 -24.88 -7.08
N LYS A 45 -16.05 -25.74 -6.59
CA LYS A 45 -16.04 -27.19 -6.90
C LYS A 45 -16.71 -28.00 -5.80
N ILE A 46 -16.98 -27.44 -4.62
CA ILE A 46 -17.64 -28.21 -3.52
C ILE A 46 -19.16 -28.03 -3.59
N LYS A 47 -19.89 -28.97 -2.97
CA LYS A 47 -21.37 -29.00 -2.87
C LYS A 47 -21.78 -28.31 -1.57
N PRO A 48 -22.82 -27.45 -1.59
CA PRO A 48 -23.27 -26.79 -0.36
C PRO A 48 -23.33 -27.73 0.86
N HIS A 49 -22.42 -27.53 1.82
CA HIS A 49 -22.43 -28.19 3.16
C HIS A 49 -23.54 -27.56 4.02
N ASN A 50 -23.98 -28.27 5.05
CA ASN A 50 -25.17 -27.90 5.84
C ASN A 50 -24.82 -26.67 6.70
N SER A 51 -23.57 -26.56 7.18
CA SER A 51 -23.08 -25.45 8.05
C SER A 51 -22.98 -24.14 7.25
N HIS A 52 -22.94 -24.21 5.92
CA HIS A 52 -22.84 -23.05 5.01
C HIS A 52 -24.13 -22.20 5.04
N GLU A 53 -25.23 -22.72 5.59
CA GLU A 53 -26.52 -21.98 5.73
C GLU A 53 -26.27 -20.68 6.50
N GLY A 54 -26.67 -19.52 5.94
CA GLY A 54 -26.65 -18.19 6.58
C GLY A 54 -25.32 -17.46 6.43
N LYS A 55 -24.40 -17.95 5.58
CA LYS A 55 -23.03 -17.39 5.40
C LYS A 55 -22.97 -16.59 4.10
N THR A 56 -22.09 -15.57 4.06
CA THR A 56 -21.84 -14.70 2.88
C THR A 56 -20.79 -15.36 1.97
N PHE A 57 -21.08 -15.41 0.67
CA PHE A 57 -20.18 -15.92 -0.39
C PHE A 57 -19.91 -14.78 -1.37
N TYR A 58 -18.64 -14.52 -1.63
CA TYR A 58 -18.18 -13.63 -2.73
C TYR A 58 -18.38 -14.37 -4.05
N VAL A 59 -19.02 -13.76 -5.05
CA VAL A 59 -19.26 -14.33 -6.41
C VAL A 59 -18.77 -13.35 -7.48
N LEU A 60 -18.40 -13.81 -8.68
CA LEU A 60 -18.16 -12.86 -9.81
C LEU A 60 -19.51 -12.28 -10.16
N PRO A 61 -19.57 -11.08 -10.78
CA PRO A 61 -20.84 -10.50 -11.19
C PRO A 61 -21.28 -10.96 -12.59
N ASN A 62 -22.53 -11.45 -12.70
CA ASN A 62 -23.25 -11.77 -13.96
C ASN A 62 -24.09 -10.57 -14.38
N ASP A 63 -25.13 -10.26 -13.59
CA ASP A 63 -25.95 -9.01 -13.55
C ASP A 63 -25.08 -7.76 -13.78
N ASP A 64 -25.54 -6.77 -14.55
CA ASP A 64 -24.88 -5.43 -14.61
C ASP A 64 -25.12 -4.69 -13.30
N THR A 65 -26.09 -5.06 -12.47
CA THR A 65 -26.26 -4.43 -11.13
C THR A 65 -24.99 -4.70 -10.34
N LEU A 66 -24.55 -5.96 -10.33
CA LEU A 66 -23.35 -6.42 -9.61
C LEU A 66 -22.09 -5.90 -10.30
N ARG A 67 -22.09 -5.75 -11.62
CA ARG A 67 -20.90 -5.21 -12.32
C ARG A 67 -20.70 -3.76 -11.90
N VAL A 68 -21.77 -2.98 -11.77
CA VAL A 68 -21.66 -1.58 -11.29
C VAL A 68 -21.26 -1.57 -9.80
N GLU A 69 -21.84 -2.43 -8.96
CA GLU A 69 -21.60 -2.46 -7.49
C GLU A 69 -20.13 -2.76 -7.21
N ALA A 70 -19.52 -3.67 -7.98
CA ALA A 70 -18.10 -4.08 -7.89
C ALA A 70 -17.22 -2.90 -8.30
N PHE A 71 -17.57 -2.19 -9.36
CA PHE A 71 -16.74 -1.04 -9.76
C PHE A 71 -16.75 0.00 -8.64
N GLU A 72 -17.91 0.21 -8.01
CA GLU A 72 -18.09 1.38 -7.11
C GLU A 72 -17.41 1.07 -5.78
N TYR A 73 -17.11 -0.20 -5.53
CA TYR A 73 -16.38 -0.68 -4.33
C TYR A 73 -14.88 -0.80 -4.63
N TYR A 74 -14.49 -1.29 -5.81
CA TYR A 74 -13.07 -1.59 -6.14
C TYR A 74 -12.44 -0.64 -7.17
N HIS A 75 -13.21 0.25 -7.77
CA HIS A 75 -12.76 1.08 -8.92
C HIS A 75 -12.01 0.24 -9.94
N THR A 76 -12.30 -1.06 -10.08
CA THR A 76 -11.75 -1.82 -11.22
C THR A 76 -12.84 -2.68 -11.86
N THR A 77 -12.91 -2.60 -13.19
CA THR A 77 -13.69 -3.50 -14.08
C THR A 77 -12.97 -4.83 -14.26
N ASP A 78 -11.67 -4.90 -13.96
CA ASP A 78 -10.82 -6.07 -14.29
C ASP A 78 -11.48 -7.31 -13.71
N PRO A 79 -11.80 -8.31 -14.56
CA PRO A 79 -12.53 -9.50 -14.12
C PRO A 79 -11.72 -10.41 -13.19
N SER A 80 -10.39 -10.44 -13.37
CA SER A 80 -9.44 -11.33 -12.65
C SER A 80 -9.28 -10.88 -11.18
N PHE A 81 -9.61 -9.62 -10.88
CA PHE A 81 -9.32 -8.95 -9.59
C PHE A 81 -9.93 -9.73 -8.43
N LEU A 82 -11.26 -9.89 -8.44
CA LEU A 82 -11.97 -10.45 -7.27
C LEU A 82 -11.37 -11.81 -6.89
N GLY A 83 -10.85 -12.56 -7.85
CA GLY A 83 -10.20 -13.86 -7.63
C GLY A 83 -8.82 -13.69 -7.04
N ARG A 84 -7.97 -12.87 -7.67
CA ARG A 84 -6.62 -12.50 -7.17
C ARG A 84 -6.71 -11.99 -5.72
N TYR A 85 -7.80 -11.30 -5.42
CA TYR A 85 -8.06 -10.73 -4.08
C TYR A 85 -8.42 -11.86 -3.13
N MET A 86 -9.48 -12.60 -3.44
CA MET A 86 -9.90 -13.75 -2.61
C MET A 86 -8.72 -14.70 -2.44
N SER A 87 -7.85 -14.86 -3.46
CA SER A 87 -6.70 -15.80 -3.41
C SER A 87 -5.78 -15.39 -2.26
N ALA A 88 -5.42 -14.11 -2.23
CA ALA A 88 -4.57 -13.48 -1.19
C ALA A 88 -5.27 -13.66 0.17
N LEU A 89 -6.52 -13.24 0.26
CA LEU A 89 -7.29 -13.25 1.54
C LEU A 89 -7.16 -14.60 2.23
N ASN A 90 -7.33 -15.68 1.48
CA ASN A 90 -7.20 -17.08 1.95
C ASN A 90 -5.88 -17.27 2.71
N HIS A 91 -4.81 -16.56 2.35
CA HIS A 91 -3.51 -16.63 3.05
C HIS A 91 -3.45 -15.56 4.15
N THR A 92 -3.72 -14.30 3.81
CA THR A 92 -3.50 -13.18 4.74
C THR A 92 -4.43 -13.37 5.95
N LYS A 93 -5.56 -14.04 5.78
CA LYS A 93 -6.48 -14.32 6.92
C LYS A 93 -5.77 -15.21 7.95
N LYS A 94 -4.73 -15.95 7.56
CA LYS A 94 -4.01 -16.92 8.44
C LYS A 94 -2.79 -16.24 9.09
N TRP A 95 -2.22 -15.21 8.46
CA TRP A 95 -1.18 -14.31 9.04
C TRP A 95 -1.62 -13.76 10.41
N LYS A 96 -0.64 -13.48 11.28
CA LYS A 96 -0.84 -12.86 12.62
C LYS A 96 -0.45 -11.37 12.56
N TYR A 97 -1.27 -10.52 13.17
CA TYR A 97 -1.14 -9.05 13.08
C TYR A 97 -0.94 -8.47 14.48
N PRO A 98 0.28 -8.59 15.04
CA PRO A 98 0.55 -8.18 16.41
C PRO A 98 0.60 -6.65 16.46
N GLN A 99 0.14 -6.06 17.57
CA GLN A 99 0.37 -4.62 17.86
C GLN A 99 1.82 -4.50 18.29
N VAL A 100 2.55 -3.54 17.72
CA VAL A 100 4.00 -3.36 17.99
C VAL A 100 4.24 -1.86 18.09
N ASN A 101 4.22 -1.37 19.33
CA ASN A 101 4.33 0.08 19.65
C ASN A 101 3.04 0.78 19.23
N GLY A 102 1.89 0.17 19.51
CA GLY A 102 0.54 0.63 19.08
C GLY A 102 0.44 0.83 17.58
N LEU A 103 1.20 0.03 16.82
CA LEU A 103 1.11 -0.10 15.34
C LEU A 103 0.79 -1.54 14.98
N THR A 104 -0.05 -1.75 13.97
CA THR A 104 -0.39 -3.10 13.46
C THR A 104 0.75 -3.52 12.52
N SER A 105 1.61 -4.43 12.96
CA SER A 105 2.61 -5.08 12.08
C SER A 105 2.04 -6.42 11.64
N ILE A 106 2.82 -7.19 10.87
CA ILE A 106 2.45 -8.59 10.50
C ILE A 106 3.62 -9.47 10.93
N LYS A 107 3.36 -10.48 11.77
CA LYS A 107 4.37 -11.54 12.04
C LYS A 107 4.85 -12.01 10.68
N TRP A 108 6.17 -12.10 10.47
CA TRP A 108 6.76 -12.61 9.21
C TRP A 108 6.12 -13.96 8.85
N ALA A 109 5.85 -14.16 7.55
CA ALA A 109 5.19 -15.33 6.95
C ALA A 109 5.08 -15.15 5.42
N ASP A 110 4.81 -16.22 4.68
CA ASP A 110 4.54 -16.29 3.21
C ASP A 110 5.25 -15.04 2.58
N ASN A 111 6.49 -14.72 3.02
CA ASN A 111 7.49 -13.71 2.49
C ASN A 111 7.08 -12.23 2.62
N ASN A 112 6.56 -11.74 3.76
CA ASN A 112 5.72 -10.51 3.81
C ASN A 112 6.41 -9.27 4.44
N CYS A 113 7.74 -9.27 4.65
CA CYS A 113 8.47 -8.14 5.29
C CYS A 113 8.16 -6.82 4.58
N TYR A 114 8.09 -6.76 3.24
CA TYR A 114 7.84 -5.49 2.49
C TYR A 114 6.42 -4.97 2.79
N LEU A 115 5.44 -5.88 2.90
CA LEU A 115 4.03 -5.53 3.18
C LEU A 115 3.95 -4.89 4.56
N ALA A 116 4.57 -5.53 5.56
CA ALA A 116 4.64 -5.07 6.96
C ALA A 116 5.28 -3.68 7.01
N THR A 117 6.34 -3.42 6.24
CA THR A 117 6.97 -2.08 6.16
C THR A 117 5.89 -1.13 5.61
N ALA A 118 5.33 -1.43 4.43
CA ALA A 118 4.33 -0.56 3.76
C ALA A 118 3.16 -0.30 4.71
N LEU A 119 2.68 -1.34 5.38
CA LEU A 119 1.51 -1.26 6.30
C LEU A 119 1.86 -0.33 7.47
N LEU A 120 3.05 -0.50 8.07
CA LEU A 120 3.47 0.34 9.22
C LEU A 120 3.59 1.78 8.73
N THR A 121 4.17 1.99 7.55
CA THR A 121 4.31 3.34 6.94
C THR A 121 2.92 3.96 6.79
N LEU A 122 1.93 3.13 6.45
CA LEU A 122 0.64 3.65 5.93
C LEU A 122 -0.21 4.13 7.10
N GLN A 123 0.23 3.82 8.33
CA GLN A 123 -0.46 4.17 9.60
C GLN A 123 0.19 5.40 10.21
N GLN A 124 1.20 5.96 9.55
CA GLN A 124 1.98 7.13 10.02
C GLN A 124 1.90 8.26 9.02
N ILE A 125 1.35 8.00 7.83
CA ILE A 125 1.09 9.09 6.85
C ILE A 125 -0.41 9.17 6.59
N GLU A 126 -0.87 10.42 6.39
CA GLU A 126 -2.28 10.86 6.24
C GLU A 126 -2.70 10.52 4.80
N LEU A 127 -3.29 9.32 4.60
CA LEU A 127 -3.69 8.78 3.26
C LEU A 127 -5.20 8.48 3.15
N LYS A 128 -5.86 9.18 2.22
CA LYS A 128 -7.29 9.00 1.90
C LYS A 128 -7.32 8.19 0.60
N PHE A 129 -7.78 6.95 0.70
CA PHE A 129 -7.92 6.00 -0.43
C PHE A 129 -9.24 6.24 -1.18
N ASN A 130 -9.24 6.02 -2.49
CA ASN A 130 -10.44 6.24 -3.34
C ASN A 130 -11.29 4.98 -3.43
N PRO A 131 -10.78 3.79 -3.78
CA PRO A 131 -11.61 2.61 -3.72
C PRO A 131 -12.16 2.37 -2.31
N PRO A 132 -13.48 2.46 -2.07
CA PRO A 132 -14.06 2.14 -0.76
C PRO A 132 -13.62 0.79 -0.20
N ALA A 133 -13.31 -0.18 -1.06
CA ALA A 133 -12.79 -1.50 -0.66
C ALA A 133 -11.55 -1.31 0.22
N LEU A 134 -10.65 -0.41 -0.23
CA LEU A 134 -9.33 -0.06 0.34
C LEU A 134 -9.52 0.80 1.58
N GLN A 135 -10.31 1.87 1.47
CA GLN A 135 -10.47 2.86 2.56
C GLN A 135 -11.07 2.13 3.75
N ASP A 136 -12.04 1.25 3.52
CA ASP A 136 -12.68 0.43 4.57
C ASP A 136 -11.61 -0.52 5.13
N ALA A 137 -10.95 -1.28 4.28
CA ALA A 137 -10.01 -2.34 4.72
C ALA A 137 -8.89 -1.72 5.55
N TYR A 138 -8.44 -0.51 5.17
CA TYR A 138 -7.43 0.29 5.91
C TYR A 138 -7.99 0.52 7.31
N TYR A 139 -9.06 1.32 7.40
CA TYR A 139 -9.67 1.67 8.71
C TYR A 139 -9.61 0.47 9.67
N ARG A 140 -9.89 -0.73 9.14
CA ARG A 140 -10.00 -2.00 9.90
C ARG A 140 -8.58 -2.43 10.30
N ALA A 141 -7.59 -2.31 9.42
CA ALA A 141 -6.16 -2.61 9.70
C ALA A 141 -5.65 -1.71 10.82
N ARG A 142 -5.92 -0.39 10.76
CA ARG A 142 -5.66 0.61 11.84
C ARG A 142 -6.05 -0.01 13.19
N ALA A 143 -7.19 -0.70 13.21
CA ALA A 143 -7.80 -1.29 14.42
C ALA A 143 -7.33 -2.74 14.64
N GLY A 144 -6.34 -3.22 13.89
CA GLY A 144 -5.68 -4.51 14.18
C GLY A 144 -6.09 -5.64 13.25
N GLU A 145 -7.30 -5.60 12.67
CA GLU A 145 -7.81 -6.58 11.66
C GLU A 145 -7.33 -6.21 10.25
N ALA A 146 -6.22 -6.79 9.76
CA ALA A 146 -5.47 -6.25 8.60
C ALA A 146 -5.33 -7.25 7.45
N ALA A 147 -5.85 -8.48 7.60
CA ALA A 147 -5.90 -9.49 6.52
C ALA A 147 -6.45 -8.88 5.22
N ASN A 148 -7.64 -8.29 5.30
CA ASN A 148 -8.35 -7.76 4.12
C ASN A 148 -7.50 -6.71 3.41
N PHE A 149 -6.84 -5.85 4.16
CA PHE A 149 -6.15 -4.69 3.58
C PHE A 149 -4.95 -5.22 2.80
N CYS A 150 -4.21 -6.15 3.40
CA CYS A 150 -3.02 -6.78 2.78
C CYS A 150 -3.41 -7.53 1.49
N ALA A 151 -4.51 -8.28 1.54
CA ALA A 151 -5.04 -9.00 0.36
C ALA A 151 -5.23 -8.00 -0.78
N LEU A 152 -5.97 -6.93 -0.53
CA LEU A 152 -6.27 -5.88 -1.54
C LEU A 152 -4.95 -5.28 -2.03
N ILE A 153 -4.03 -4.89 -1.16
CA ILE A 153 -2.76 -4.25 -1.61
C ILE A 153 -2.12 -5.20 -2.61
N LEU A 154 -2.00 -6.48 -2.26
CA LEU A 154 -1.47 -7.51 -3.18
C LEU A 154 -2.25 -7.41 -4.49
N ALA A 155 -3.57 -7.60 -4.48
CA ALA A 155 -4.38 -7.63 -5.72
C ALA A 155 -4.20 -6.32 -6.51
N TYR A 156 -4.37 -5.17 -5.86
CA TYR A 156 -4.27 -3.85 -6.51
C TYR A 156 -2.89 -3.63 -7.12
N CYS A 157 -1.86 -4.34 -6.66
CA CYS A 157 -0.43 -4.15 -7.09
C CYS A 157 -0.01 -5.24 -8.07
N ASN A 158 -0.87 -6.26 -8.28
CA ASN A 158 -0.65 -7.40 -9.21
C ASN A 158 0.44 -8.33 -8.65
N LYS A 159 0.61 -8.34 -7.33
CA LYS A 159 1.52 -9.27 -6.60
C LYS A 159 0.66 -10.34 -5.93
N THR A 160 1.30 -11.43 -5.50
CA THR A 160 0.69 -12.63 -4.88
C THR A 160 1.46 -12.99 -3.63
N VAL A 161 0.81 -13.73 -2.75
CA VAL A 161 1.45 -14.17 -1.47
C VAL A 161 2.69 -15.00 -1.83
N GLY A 162 3.83 -14.66 -1.23
CA GLY A 162 5.12 -15.32 -1.53
C GLY A 162 6.02 -14.45 -2.41
N GLU A 163 5.44 -13.72 -3.36
CA GLU A 163 6.24 -12.88 -4.28
C GLU A 163 6.99 -11.89 -3.40
N LEU A 164 8.23 -11.56 -3.76
CA LEU A 164 9.01 -10.46 -3.11
C LEU A 164 8.56 -9.09 -3.65
N GLY A 165 8.80 -7.99 -2.91
CA GLY A 165 8.30 -6.66 -3.30
C GLY A 165 9.13 -5.50 -2.77
N ASP A 166 9.39 -4.51 -3.63
CA ASP A 166 9.91 -3.14 -3.33
C ASP A 166 8.84 -2.36 -2.56
N VAL A 167 9.24 -1.61 -1.54
CA VAL A 167 8.31 -0.73 -0.77
C VAL A 167 8.03 0.52 -1.63
N ARG A 168 9.05 1.22 -2.16
CA ARG A 168 8.84 2.39 -3.06
C ARG A 168 7.76 1.98 -4.06
N GLU A 169 7.91 0.81 -4.70
CA GLU A 169 7.03 0.32 -5.80
C GLU A 169 5.59 0.14 -5.26
N THR A 170 5.43 -0.62 -4.17
CA THR A 170 4.13 -0.89 -3.52
C THR A 170 3.45 0.41 -3.04
N MET A 171 4.19 1.44 -2.63
CA MET A 171 3.56 2.71 -2.15
C MET A 171 2.99 3.47 -3.35
N SER A 172 3.82 3.81 -4.34
CA SER A 172 3.39 4.49 -5.60
C SER A 172 2.10 3.85 -6.14
N TYR A 173 2.02 2.52 -6.12
CA TYR A 173 0.80 1.80 -6.56
C TYR A 173 -0.37 2.36 -5.74
N LEU A 174 -0.24 2.41 -4.41
CA LEU A 174 -1.32 2.81 -3.47
C LEU A 174 -1.57 4.31 -3.57
N PHE A 175 -0.52 5.11 -3.69
CA PHE A 175 -0.64 6.57 -3.83
C PHE A 175 -1.51 6.84 -5.07
N GLN A 176 -1.34 5.98 -6.08
CA GLN A 176 -2.08 6.12 -7.35
C GLN A 176 -3.56 5.88 -7.08
N HIS A 177 -3.93 5.07 -6.09
CA HIS A 177 -5.33 4.79 -5.67
C HIS A 177 -5.75 5.69 -4.49
N ALA A 178 -5.06 6.80 -4.28
CA ALA A 178 -5.31 7.73 -3.15
C ALA A 178 -5.55 9.12 -3.71
N ASN A 179 -6.49 9.85 -3.11
CA ASN A 179 -6.75 11.28 -3.39
C ASN A 179 -5.49 12.05 -2.96
N LEU A 180 -4.71 12.49 -3.94
CA LEU A 180 -3.56 13.38 -3.69
C LEU A 180 -3.68 14.52 -4.68
N ASP A 181 -4.91 14.98 -4.92
CA ASP A 181 -5.25 15.95 -6.00
C ASP A 181 -4.65 17.29 -5.59
N SER A 182 -4.87 17.70 -4.33
CA SER A 182 -4.40 18.99 -3.76
C SER A 182 -2.88 18.99 -3.49
N CYS A 183 -2.16 17.91 -3.79
CA CYS A 183 -0.68 17.84 -3.68
C CYS A 183 -0.08 18.53 -4.90
N LYS A 184 0.86 19.44 -4.65
CA LYS A 184 1.51 20.32 -5.64
C LYS A 184 2.95 20.51 -5.21
N ARG A 185 3.89 20.28 -6.12
CA ARG A 185 5.34 20.50 -5.90
C ARG A 185 5.82 21.37 -7.04
N VAL A 186 6.24 22.60 -6.73
CA VAL A 186 6.90 23.52 -7.68
C VAL A 186 8.40 23.26 -7.59
N LEU A 187 9.02 22.84 -8.69
CA LEU A 187 10.51 22.71 -8.77
C LEU A 187 11.06 23.98 -9.41
N ASN A 188 12.36 24.18 -9.28
CA ASN A 188 13.13 25.14 -10.11
C ASN A 188 14.42 24.45 -10.52
N VAL A 189 14.76 24.56 -11.81
CA VAL A 189 16.01 24.02 -12.41
C VAL A 189 16.79 25.20 -12.96
N VAL A 190 18.10 25.20 -12.74
CA VAL A 190 19.03 26.20 -13.32
C VAL A 190 20.27 25.45 -13.82
N CYS A 191 20.40 25.34 -15.15
CA CYS A 191 21.65 25.20 -15.96
C CYS A 191 22.15 26.64 -16.17
N LYS A 192 23.46 26.86 -16.27
CA LYS A 192 24.05 28.18 -16.59
C LYS A 192 23.89 28.46 -18.09
N THR A 193 23.27 27.56 -18.86
CA THR A 193 23.05 27.69 -20.33
C THR A 193 21.55 27.69 -20.63
N CYS A 194 20.83 26.59 -20.33
CA CYS A 194 19.36 26.39 -20.54
C CYS A 194 18.60 27.65 -20.06
N GLY A 195 19.00 28.20 -18.90
CA GLY A 195 18.36 29.35 -18.25
C GLY A 195 17.84 28.99 -16.87
N GLN A 196 16.57 29.28 -16.61
CA GLN A 196 15.87 29.04 -15.31
C GLN A 196 14.47 28.45 -15.55
N GLN A 197 14.39 27.11 -15.60
CA GLN A 197 13.20 26.32 -16.03
C GLN A 197 12.43 25.85 -14.79
N GLN A 198 11.20 26.36 -14.59
CA GLN A 198 10.35 26.11 -13.38
C GLN A 198 9.22 25.15 -13.72
N THR A 199 9.27 23.92 -13.21
CA THR A 199 8.25 22.87 -13.40
C THR A 199 7.26 22.91 -12.22
N THR A 200 6.00 22.53 -12.49
CA THR A 200 5.00 22.15 -11.45
C THR A 200 4.69 20.66 -11.58
N LEU A 201 4.48 19.98 -10.46
CA LEU A 201 4.00 18.58 -10.36
C LEU A 201 2.79 18.55 -9.42
N LYS A 202 1.77 17.80 -9.81
CA LYS A 202 0.56 17.55 -8.99
C LYS A 202 0.50 16.03 -8.73
N GLY A 203 -0.26 15.62 -7.72
CA GLY A 203 -0.58 14.21 -7.41
C GLY A 203 0.64 13.43 -6.98
N VAL A 204 0.71 12.16 -7.36
CA VAL A 204 1.73 11.21 -6.86
C VAL A 204 3.14 11.74 -7.11
N GLU A 205 3.43 12.34 -8.27
CA GLU A 205 4.82 12.76 -8.58
C GLU A 205 5.23 13.93 -7.68
N ALA A 206 4.26 14.62 -7.06
CA ALA A 206 4.50 15.72 -6.11
C ALA A 206 5.06 15.20 -4.79
N VAL A 207 4.77 13.96 -4.38
CA VAL A 207 5.07 13.49 -3.00
C VAL A 207 6.13 12.39 -3.00
N MET A 208 6.62 11.97 -4.15
CA MET A 208 7.76 11.04 -4.23
C MET A 208 8.89 11.73 -4.99
N TYR A 209 10.13 11.45 -4.59
CA TYR A 209 11.38 11.76 -5.34
C TYR A 209 12.29 10.56 -5.17
N MET A 210 12.79 10.00 -6.27
CA MET A 210 13.92 9.02 -6.21
C MET A 210 15.18 9.81 -6.47
N GLY A 211 16.17 9.72 -5.57
CA GLY A 211 17.44 10.47 -5.70
C GLY A 211 18.17 10.61 -4.39
N THR A 212 17.62 11.34 -3.44
CA THR A 212 18.25 11.51 -2.11
C THR A 212 17.25 11.03 -1.08
N LEU A 213 17.74 10.59 0.07
CA LEU A 213 16.92 10.28 1.27
C LEU A 213 16.57 11.58 2.02
N SER A 214 17.20 12.71 1.67
CA SER A 214 17.28 13.92 2.53
C SER A 214 16.33 15.00 2.03
N TYR A 215 15.34 15.35 2.86
CA TYR A 215 14.39 16.42 2.49
C TYR A 215 15.19 17.72 2.45
N GLU A 216 16.05 17.94 3.46
CA GLU A 216 16.96 19.10 3.56
C GLU A 216 17.73 19.25 2.25
N GLN A 217 18.38 18.18 1.81
CA GLN A 217 19.28 18.16 0.63
C GLN A 217 18.52 18.66 -0.60
N PHE A 218 17.33 18.13 -0.82
CA PHE A 218 16.41 18.48 -1.94
C PHE A 218 16.12 19.99 -1.97
N LYS A 219 15.97 20.61 -0.80
CA LYS A 219 15.62 22.04 -0.65
C LYS A 219 16.82 22.90 -1.06
N LYS A 220 18.03 22.47 -0.65
CA LYS A 220 19.32 23.13 -1.02
C LYS A 220 19.51 22.94 -2.53
N GLY A 221 19.41 21.72 -3.02
CA GLY A 221 19.48 21.41 -4.46
C GLY A 221 20.28 20.14 -4.70
N VAL A 222 20.01 19.46 -5.82
CA VAL A 222 20.71 18.21 -6.23
C VAL A 222 20.98 18.33 -7.75
N GLN A 223 22.20 17.96 -8.18
CA GLN A 223 22.67 18.11 -9.59
C GLN A 223 21.92 17.11 -10.48
N ILE A 224 21.60 17.51 -11.72
CA ILE A 224 20.89 16.68 -12.74
C ILE A 224 21.51 16.92 -14.12
N PRO A 225 21.49 15.92 -15.04
CA PRO A 225 21.30 16.21 -16.48
C PRO A 225 20.02 17.04 -16.74
N CYS A 226 20.07 17.96 -17.73
CA CYS A 226 19.10 19.08 -17.92
C CYS A 226 18.61 19.16 -19.36
N THR A 227 17.65 20.04 -19.66
CA THR A 227 17.00 20.16 -20.99
C THR A 227 18.06 20.30 -22.10
N CYS A 228 18.65 21.50 -22.25
CA CYS A 228 19.45 21.92 -23.44
C CYS A 228 20.47 20.85 -23.87
N GLY A 229 21.34 20.43 -22.93
CA GLY A 229 22.27 19.29 -23.08
C GLY A 229 22.75 18.75 -21.73
N LYS A 230 23.61 19.50 -21.01
CA LYS A 230 24.59 18.99 -20.00
C LYS A 230 24.30 19.52 -18.57
N GLN A 231 24.99 20.58 -18.10
CA GLN A 231 25.40 20.80 -16.68
C GLN A 231 24.52 21.84 -15.96
N ALA A 232 23.63 21.31 -15.07
CA ALA A 232 22.48 21.98 -14.38
C ALA A 232 22.14 21.34 -13.01
N THR A 233 21.38 22.09 -12.18
CA THR A 233 21.06 21.80 -10.75
C THR A 233 19.63 22.26 -10.44
N LYS A 234 18.86 21.42 -9.74
CA LYS A 234 17.40 21.57 -9.50
C LYS A 234 17.11 21.50 -8.00
N TYR A 235 16.22 22.38 -7.51
CA TYR A 235 15.95 22.62 -6.07
C TYR A 235 14.45 22.89 -5.86
N LEU A 236 13.95 22.46 -4.71
CA LEU A 236 12.52 22.58 -4.33
C LEU A 236 12.18 24.04 -4.04
N VAL A 237 11.38 24.67 -4.89
CA VAL A 237 10.72 25.97 -4.58
C VAL A 237 9.67 25.69 -3.49
N GLN A 238 8.51 25.18 -3.89
CA GLN A 238 7.32 25.02 -3.05
C GLN A 238 6.94 23.53 -2.99
N GLN A 239 6.39 23.10 -1.87
CA GLN A 239 5.79 21.76 -1.66
C GLN A 239 4.55 21.94 -0.78
N GLU A 240 3.36 21.87 -1.36
CA GLU A 240 2.09 21.71 -0.61
C GLU A 240 1.69 20.24 -0.73
N SER A 241 1.93 19.45 0.31
CA SER A 241 1.55 18.02 0.42
C SER A 241 1.61 17.62 1.88
N PRO A 242 0.76 16.68 2.34
CA PRO A 242 0.71 16.32 3.75
C PRO A 242 1.92 15.49 4.18
N PHE A 243 2.70 15.01 3.21
CA PHE A 243 3.97 14.27 3.41
C PHE A 243 4.74 14.24 2.10
N VAL A 244 6.05 13.98 2.18
CA VAL A 244 6.88 13.56 1.02
C VAL A 244 7.68 12.32 1.42
N MET A 245 7.89 11.45 0.44
CA MET A 245 8.63 10.17 0.55
C MET A 245 9.87 10.27 -0.35
N MET A 246 11.01 10.67 0.23
CA MET A 246 12.32 10.71 -0.43
C MET A 246 12.84 9.27 -0.48
N SER A 247 13.10 8.77 -1.68
CA SER A 247 13.70 7.42 -1.89
C SER A 247 15.08 7.56 -2.52
N ALA A 248 15.90 6.53 -2.36
CA ALA A 248 17.18 6.34 -3.08
C ALA A 248 17.76 4.95 -2.81
N PRO A 249 18.67 4.44 -3.68
CA PRO A 249 19.08 3.05 -3.61
C PRO A 249 19.91 2.84 -2.35
N PRO A 250 19.77 1.71 -1.63
CA PRO A 250 20.23 1.61 -0.25
C PRO A 250 21.66 2.09 -0.01
N ALA A 251 21.79 3.26 0.64
CA ALA A 251 23.04 3.79 1.23
C ALA A 251 23.09 3.37 2.70
N GLN A 252 24.21 3.65 3.36
CA GLN A 252 24.32 3.81 4.83
C GLN A 252 23.93 5.27 5.16
N TYR A 253 23.17 5.46 6.24
CA TYR A 253 22.52 6.76 6.55
C TYR A 253 22.23 6.79 8.05
N GLU A 254 22.48 7.97 8.63
CA GLU A 254 22.27 8.32 10.06
C GLU A 254 20.85 8.90 10.20
N LEU A 255 19.97 8.18 10.87
CA LEU A 255 18.59 8.66 11.18
C LEU A 255 18.60 9.22 12.59
N LYS A 256 18.23 10.49 12.71
CA LYS A 256 18.21 11.21 14.01
C LYS A 256 16.74 11.41 14.44
N HIS A 257 16.44 11.10 15.70
CA HIS A 257 15.12 11.34 16.35
C HIS A 257 14.61 12.76 16.01
N GLY A 258 13.43 12.86 15.40
CA GLY A 258 12.70 14.13 15.21
C GLY A 258 12.99 14.79 13.89
N THR A 259 13.82 14.19 13.03
CA THR A 259 14.24 14.79 11.73
C THR A 259 13.41 14.22 10.59
N PHE A 260 12.58 13.22 10.88
CA PHE A 260 11.90 12.38 9.86
C PHE A 260 10.78 11.64 10.58
N THR A 261 9.79 11.15 9.84
CA THR A 261 8.68 10.40 10.44
C THR A 261 9.03 8.93 10.56
N CYS A 262 9.38 8.29 9.45
CA CYS A 262 9.66 6.84 9.41
C CYS A 262 10.44 6.51 8.14
N ALA A 263 11.08 5.34 8.11
CA ALA A 263 12.05 4.95 7.06
C ALA A 263 12.03 3.45 6.79
N SER A 264 12.50 3.09 5.61
CA SER A 264 12.64 1.70 5.11
C SER A 264 14.12 1.34 5.15
N GLU A 265 14.48 0.33 5.95
CA GLU A 265 15.83 -0.28 5.98
C GLU A 265 15.83 -1.44 4.97
N TYR A 266 16.85 -1.54 4.11
CA TYR A 266 17.06 -2.68 3.18
C TYR A 266 18.48 -3.26 3.29
N THR A 267 18.60 -4.35 4.04
CA THR A 267 19.68 -5.37 3.99
C THR A 267 19.60 -6.19 2.70
N GLY A 268 20.73 -6.44 2.04
CA GLY A 268 20.85 -7.46 0.97
C GLY A 268 20.94 -6.86 -0.42
N ASN A 269 20.76 -7.70 -1.46
CA ASN A 269 20.92 -7.30 -2.88
C ASN A 269 19.55 -7.08 -3.51
N TYR A 270 19.57 -6.31 -4.60
CA TYR A 270 18.44 -6.08 -5.54
C TYR A 270 17.59 -7.34 -5.66
N GLN A 271 16.42 -7.35 -5.04
CA GLN A 271 15.37 -8.36 -5.26
C GLN A 271 15.64 -9.63 -4.46
N CYS A 272 16.63 -9.70 -3.55
CA CYS A 272 16.81 -10.84 -2.60
C CYS A 272 17.30 -10.36 -1.25
N GLY A 273 16.64 -9.30 -0.75
CA GLY A 273 16.88 -8.60 0.53
C GLY A 273 15.70 -8.63 1.51
N HIS A 274 15.96 -8.15 2.74
CA HIS A 274 15.05 -8.13 3.92
C HIS A 274 14.88 -6.68 4.42
N TYR A 275 13.63 -6.23 4.56
CA TYR A 275 13.21 -4.85 4.92
C TYR A 275 12.88 -4.75 6.42
N LYS A 276 13.28 -3.66 7.06
CA LYS A 276 12.78 -3.27 8.41
C LYS A 276 12.31 -1.82 8.38
N HIS A 277 11.43 -1.51 9.33
CA HIS A 277 10.76 -0.20 9.53
C HIS A 277 11.45 0.54 10.68
N ILE A 278 11.93 1.76 10.43
CA ILE A 278 12.48 2.70 11.45
C ILE A 278 11.46 3.83 11.60
N THR A 279 10.97 4.04 12.82
CA THR A 279 9.94 5.07 13.12
C THR A 279 10.49 5.90 14.28
N SER A 280 10.29 7.20 14.24
CA SER A 280 10.86 8.20 15.19
C SER A 280 9.74 8.66 16.12
N LYS A 281 9.54 7.90 17.19
CA LYS A 281 8.59 8.25 18.28
C LYS A 281 9.38 9.03 19.32
N GLU A 282 9.30 8.67 20.61
CA GLU A 282 10.07 9.31 21.73
C GLU A 282 11.56 9.05 21.47
N THR A 283 11.85 7.83 21.01
CA THR A 283 13.19 7.36 20.57
C THR A 283 13.01 6.80 19.14
N LEU A 284 14.03 6.19 18.55
CA LEU A 284 13.91 5.44 17.27
C LEU A 284 13.62 3.97 17.57
N TYR A 285 12.37 3.57 17.36
CA TYR A 285 11.90 2.16 17.25
C TYR A 285 12.28 1.60 15.89
N CYS A 286 12.77 0.37 15.87
CA CYS A 286 12.92 -0.42 14.62
C CYS A 286 12.03 -1.67 14.72
N ILE A 287 11.12 -1.81 13.76
CA ILE A 287 10.10 -2.90 13.71
C ILE A 287 10.47 -3.88 12.59
N ASP A 288 10.59 -5.16 12.97
CA ASP A 288 10.86 -6.32 12.08
C ASP A 288 9.76 -7.34 12.36
N GLY A 289 8.66 -7.27 11.60
CA GLY A 289 7.49 -8.11 11.84
C GLY A 289 6.99 -7.89 13.25
N ALA A 290 7.24 -8.83 14.15
CA ALA A 290 6.70 -8.82 15.53
C ALA A 290 7.79 -8.40 16.55
N LEU A 291 9.00 -8.06 16.08
CA LEU A 291 10.18 -7.79 16.93
C LEU A 291 10.45 -6.29 16.99
N LEU A 292 10.26 -5.70 18.16
CA LEU A 292 10.57 -4.26 18.43
C LEU A 292 12.01 -4.15 18.92
N THR A 293 12.68 -3.05 18.57
CA THR A 293 14.09 -2.74 18.96
C THR A 293 14.22 -1.22 19.01
N LYS A 294 14.58 -0.63 20.15
CA LYS A 294 14.70 0.85 20.22
C LYS A 294 16.18 1.23 20.36
N SER A 295 16.50 2.50 20.19
CA SER A 295 17.87 3.04 20.05
C SER A 295 17.81 4.57 19.81
N SER A 296 18.72 5.35 20.39
CA SER A 296 18.62 6.83 20.37
C SER A 296 19.04 7.36 19.00
N GLU A 297 20.14 6.88 18.41
CA GLU A 297 20.56 7.16 17.01
C GLU A 297 20.22 5.91 16.19
N TYR A 298 20.38 5.97 14.86
CA TYR A 298 20.35 4.79 13.94
C TYR A 298 21.13 5.04 12.64
N LYS A 299 22.24 4.32 12.48
CA LYS A 299 22.96 4.20 11.18
C LYS A 299 22.69 2.79 10.67
N GLY A 300 22.27 2.71 9.40
CA GLY A 300 21.93 1.47 8.69
C GLY A 300 21.73 1.76 7.21
N PRO A 301 21.39 0.71 6.40
CA PRO A 301 21.03 0.90 4.98
C PRO A 301 19.59 1.38 4.71
N ILE A 302 19.42 2.69 4.59
CA ILE A 302 18.08 3.33 4.41
C ILE A 302 17.86 3.51 2.90
N THR A 303 16.61 3.35 2.46
CA THR A 303 16.22 3.48 1.03
C THR A 303 14.99 4.40 0.85
N ASP A 304 14.11 4.50 1.85
CA ASP A 304 12.93 5.38 1.77
C ASP A 304 12.86 6.18 3.08
N VAL A 305 12.67 7.50 3.01
CA VAL A 305 12.40 8.30 4.24
C VAL A 305 11.19 9.21 4.02
N PHE A 306 10.16 9.03 4.87
CA PHE A 306 8.89 9.79 4.87
C PHE A 306 9.06 10.95 5.85
N TYR A 307 8.72 12.14 5.40
CA TYR A 307 8.73 13.37 6.22
C TYR A 307 7.31 13.93 6.28
N LYS A 308 6.83 14.36 7.45
CA LYS A 308 5.53 15.07 7.55
C LYS A 308 5.73 16.55 7.14
N GLU A 309 4.69 17.11 6.50
CA GLU A 309 4.68 18.39 5.73
C GLU A 309 3.22 18.88 5.64
N ASN A 310 3.01 20.14 5.20
CA ASN A 310 1.67 20.64 4.76
C ASN A 310 1.88 21.77 3.74
N SER A 311 2.79 22.70 4.05
CA SER A 311 3.10 23.88 3.19
C SER A 311 4.52 24.36 3.48
N TYR A 312 5.35 24.44 2.43
CA TYR A 312 6.75 24.95 2.47
C TYR A 312 6.99 25.84 1.25
N THR A 313 7.73 26.92 1.45
CA THR A 313 8.12 27.92 0.42
C THR A 313 9.62 28.20 0.59
N THR A 314 10.32 28.52 -0.51
CA THR A 314 11.80 28.63 -0.55
C THR A 314 12.19 30.10 -0.34
N THR A 315 13.49 30.36 -0.20
CA THR A 315 14.13 31.70 -0.02
C THR A 315 15.51 31.70 -0.71
C1 WUK B . 11.12 -9.55 2.13
C4 WUK B . 12.77 -12.77 5.13
C8 WUK B . 10.84 -9.07 0.71
C9 WUK B . 12.51 -7.96 -1.87
C12 WUK B . 12.85 -5.62 -4.89
C13 WUK B . 11.87 -6.08 -5.76
C15 WUK B . 12.34 -4.26 -7.33
C17 WUK B . 13.56 -4.48 -5.29
C19 WUK B . 15.71 -2.28 -3.35
C18 WUK B . 14.63 -3.97 -4.40
C20 WUK B . 15.33 -1.50 -2.12
C22 WUK B . 15.88 -0.46 -5.04
C23 WUK B . 16.59 0.35 -5.90
C24 WUK B . 17.94 0.15 -6.05
C25 WUK B . 18.60 -0.85 -5.33
C26 WUK B . 19.98 -1.01 -5.48
C27 WUK B . 20.65 -1.99 -4.75
C28 WUK B . 19.96 -2.83 -3.87
C21 WUK B . 16.52 -1.46 -4.31
C30 WUK B . 17.89 -1.67 -4.46
N3 WUK B . 14.51 -2.81 -3.96
O2 WUK B . 12.70 -12.48 3.72
O5 WUK B . 15.58 -4.73 -4.17
C29 WUK B . 18.58 -2.66 -3.73
C16 WUK B . 13.33 -3.80 -6.48
C14 WUK B . 11.63 -5.41 -6.96
C11 WUK B . 13.18 -6.29 -3.55
C10 WUK B . 12.27 -7.45 -3.26
O4 WUK B . 13.50 -8.62 -1.64
N2 WUK B . 11.61 -7.69 -1.02
N1 WUK B . 11.76 -8.26 0.22
O3 WUK B . 9.83 -9.39 0.09
C2 WUK B . 11.88 -10.85 1.88
C3 WUK B . 11.62 -11.74 3.07
O1 WUK B . 10.47 -11.83 3.48
ZN ZN C . 20.74 22.68 -19.63
ZN ZN D . 18.53 -15.04 -2.31
ZN ZN E . -10.24 5.05 -8.36
S SO4 F . -6.60 7.69 11.05
O1 SO4 F . -7.51 6.52 11.02
O2 SO4 F . -5.64 7.55 9.99
O3 SO4 F . -7.32 8.95 10.89
O4 SO4 F . -5.92 7.75 12.32
#